data_9GAX
#
_entry.id   9GAX
#
_cell.length_a   107.995
_cell.length_b   107.995
_cell.length_c   132.202
_cell.angle_alpha   90.00
_cell.angle_beta   90.00
_cell.angle_gamma   90.00
#
_symmetry.space_group_name_H-M   'P 41 21 2'
#
loop_
_entity.id
_entity.type
_entity.pdbx_description
1 polymer 'Transcriptional enhancer factor TEF-1'
2 non-polymer GLYCEROL
3 non-polymer 2-methyl-~{N}-[(1~{S})-1-(1-methylpyrazol-3-yl)-2-oxidanyl-ethyl]-4-[4-(trifluoromethyl)phenyl]pyrazolo[3,4-b]indole-7-carboxamide
4 non-polymer 'SULFATE ION'
5 water water
#
_entity_poly.entity_id   1
_entity_poly.type   'polypeptide(L)'
_entity_poly.pdbx_seq_one_letter_code
;GPRSIGTTKLRLVEFSAFLEQQRDPDSYNKHLFVHIGHANHSYSDPLLESVDIRQIYDKFPEKKGGLKELFGKGPQNAFF
LVKFWADLNCNIQDDAGAFYGVTSQYESSENMTVTCSTKVCSFGKQVVEKVETEYARFENGRFVYRINRSPMCEYMINFI
HKLKHLPEKYMMNSVLENFTILLVVTNRDTQETLLCMACVFEVSNSEHGAQHHIYRLVKD
;
_entity_poly.pdbx_strand_id   A,B
#
loop_
_chem_comp.id
_chem_comp.type
_chem_comp.name
_chem_comp.formula
A1IJL non-polymer 2-methyl-~{N}-[(1~{S})-1-(1-methylpyrazol-3-yl)-2-oxidanyl-ethyl]-4-[4-(trifluoromethyl)phenyl]pyrazolo[3,4-b]indole-7-carboxamide 'C24 H21 F3 N6 O2'
GOL non-polymer GLYCEROL 'C3 H8 O3'
SO4 non-polymer 'SULFATE ION' 'O4 S -2'
#
# COMPACT_ATOMS: atom_id res chain seq x y z
N GLY A 1 -0.74 12.60 -1.08
CA GLY A 1 0.31 12.34 -2.06
C GLY A 1 0.53 10.86 -2.28
N PRO A 2 1.68 10.51 -2.88
CA PRO A 2 1.93 9.11 -3.21
C PRO A 2 1.98 8.24 -1.96
N ARG A 3 1.48 7.02 -2.09
CA ARG A 3 1.40 6.10 -0.98
C ARG A 3 2.76 5.48 -0.66
N SER A 4 3.53 5.15 -1.68
CA SER A 4 4.72 4.35 -1.50
C SER A 4 5.91 5.01 -2.20
N ILE A 5 7.10 4.48 -1.92
CA ILE A 5 8.37 4.98 -2.47
C ILE A 5 9.09 3.81 -3.12
N GLY A 6 9.42 3.93 -4.40
CA GLY A 6 10.34 2.99 -5.01
C GLY A 6 10.05 2.77 -6.49
N THR A 7 10.45 1.60 -6.98
CA THR A 7 10.37 1.25 -8.39
C THR A 7 9.30 0.18 -8.63
N THR A 8 9.30 -0.36 -9.84
CA THR A 8 8.35 -1.42 -10.15
C THR A 8 8.77 -2.74 -9.50
N LYS A 9 10.07 -2.93 -9.22
CA LYS A 9 10.55 -4.16 -8.61
C LYS A 9 10.39 -4.17 -7.07
N LEU A 10 10.45 -3.01 -6.41
CA LEU A 10 10.35 -2.97 -4.95
C LEU A 10 9.87 -1.61 -4.48
N ARG A 11 8.91 -1.59 -3.55
CA ARG A 11 8.38 -0.37 -2.98
C ARG A 11 8.34 -0.42 -1.45
N LEU A 12 8.76 0.66 -0.82
CA LEU A 12 8.55 0.86 0.60
C LEU A 12 7.11 1.36 0.78
N VAL A 13 6.25 0.57 1.42
CA VAL A 13 4.85 0.96 1.52
C VAL A 13 4.46 1.40 2.91
N GLU A 14 5.26 1.11 3.91
CA GLU A 14 4.90 1.44 5.27
C GLU A 14 6.19 1.67 6.04
N PHE A 15 6.18 2.67 6.90
CA PHE A 15 7.37 2.93 7.70
C PHE A 15 6.97 3.85 8.83
N SER A 16 7.55 3.59 10.00
CA SER A 16 7.45 4.53 11.09
C SER A 16 8.53 4.22 12.13
N ALA A 17 8.94 5.27 12.82
CA ALA A 17 9.81 5.16 13.98
C ALA A 17 9.01 5.77 15.12
N PHE A 18 8.93 5.05 16.23
CA PHE A 18 7.89 5.36 17.19
C PHE A 18 8.36 5.09 18.62
N LEU A 19 7.55 5.57 19.56
CA LEU A 19 7.75 5.31 20.98
C LEU A 19 6.42 4.84 21.56
N GLU A 20 6.42 3.65 22.16
CA GLU A 20 5.27 3.14 22.90
C GLU A 20 5.55 3.28 24.40
N GLN A 21 4.59 3.82 25.13
CA GLN A 21 4.71 4.02 26.57
C GLN A 21 3.50 3.43 27.27
N GLN A 22 3.74 2.78 28.40
CA GLN A 22 2.68 2.27 29.25
C GLN A 22 2.61 3.13 30.50
N ARG A 23 1.60 3.99 30.58
CA ARG A 23 1.40 4.80 31.78
C ARG A 23 1.07 3.90 32.97
N ASP A 24 0.13 2.96 32.79
CA ASP A 24 -0.32 2.11 33.89
C ASP A 24 -0.67 0.73 33.32
N PRO A 25 -1.12 -0.24 34.14
CA PRO A 25 -1.23 -1.61 33.61
C PRO A 25 -2.20 -1.79 32.45
N ASP A 26 -3.19 -0.90 32.28
CA ASP A 26 -4.19 -1.08 31.23
C ASP A 26 -4.19 0.01 30.19
N SER A 27 -3.17 0.85 30.14
CA SER A 27 -3.13 1.99 29.23
C SER A 27 -1.83 1.98 28.45
N TYR A 28 -1.88 2.52 27.25
CA TYR A 28 -0.82 2.42 26.27
C TYR A 28 -0.92 3.67 25.40
N ASN A 29 0.21 4.34 25.17
CA ASN A 29 0.32 5.44 24.22
C ASN A 29 1.37 5.07 23.18
N LYS A 30 1.10 5.43 21.92
CA LYS A 30 2.06 5.24 20.84
C LYS A 30 2.21 6.58 20.14
N HIS A 31 3.46 7.01 19.97
CA HIS A 31 3.76 8.27 19.32
C HIS A 31 4.70 7.99 18.16
N LEU A 32 4.42 8.60 17.01
CA LEU A 32 5.20 8.39 15.81
C LEU A 32 6.10 9.61 15.61
N PHE A 33 7.42 9.40 15.59
CA PHE A 33 8.34 10.49 15.31
C PHE A 33 8.39 10.79 13.81
N VAL A 34 8.53 9.74 12.99
CA VAL A 34 8.55 9.88 11.54
C VAL A 34 7.77 8.73 10.94
N HIS A 35 7.22 8.96 9.75
CA HIS A 35 6.50 7.92 9.02
C HIS A 35 6.30 8.40 7.59
N ILE A 36 5.85 7.47 6.73
CA ILE A 36 5.57 7.85 5.35
C ILE A 36 4.07 7.85 5.09
N GLY A 37 3.28 8.20 6.09
CA GLY A 37 1.85 8.20 5.92
C GLY A 37 1.26 9.48 5.34
N HIS A 38 2.03 10.57 5.27
CA HIS A 38 1.51 11.88 4.85
C HIS A 38 2.53 12.51 3.91
N ALA A 39 2.56 12.04 2.66
CA ALA A 39 3.43 12.66 1.67
C ALA A 39 2.85 14.03 1.29
N ASN A 40 3.60 15.12 1.53
CA ASN A 40 3.02 16.45 1.33
C ASN A 40 3.25 16.93 -0.10
N HIS A 41 2.74 16.15 -1.04
CA HIS A 41 2.69 16.47 -2.46
C HIS A 41 1.27 16.88 -2.84
N SER A 42 1.15 17.74 -3.85
CA SER A 42 -0.17 18.24 -4.21
C SER A 42 -1.01 17.23 -5.00
N TYR A 43 -0.39 16.21 -5.60
CA TYR A 43 -1.09 15.18 -6.36
C TYR A 43 -0.89 13.81 -5.73
N SER A 44 -1.90 12.93 -5.91
CA SER A 44 -1.77 11.55 -5.45
C SER A 44 -0.73 10.78 -6.25
N ASP A 45 -0.57 11.10 -7.53
CA ASP A 45 0.37 10.43 -8.43
C ASP A 45 1.16 11.50 -9.17
N PRO A 46 2.08 12.18 -8.49
CA PRO A 46 2.77 13.31 -9.12
C PRO A 46 3.86 12.82 -10.07
N LEU A 47 4.35 13.75 -10.87
CA LEU A 47 5.61 13.59 -11.56
C LEU A 47 6.67 14.08 -10.58
N LEU A 48 7.59 13.20 -10.17
CA LEU A 48 8.50 13.61 -9.11
C LEU A 48 9.53 14.62 -9.59
N GLU A 49 9.76 15.63 -8.77
CA GLU A 49 10.84 16.57 -9.00
C GLU A 49 12.17 15.84 -8.79
N SER A 50 13.21 16.34 -9.42
CA SER A 50 14.50 15.67 -9.30
C SER A 50 15.48 16.54 -8.51
N VAL A 51 16.52 15.90 -7.99
CA VAL A 51 17.59 16.56 -7.25
C VAL A 51 18.91 16.03 -7.78
N ASP A 52 19.84 16.93 -8.07
CA ASP A 52 21.15 16.53 -8.55
C ASP A 52 21.91 15.84 -7.42
N ILE A 53 22.29 14.57 -7.60
CA ILE A 53 22.89 13.82 -6.51
C ILE A 53 24.25 14.37 -6.11
N ARG A 54 24.92 15.10 -7.01
CA ARG A 54 26.22 15.63 -6.65
C ARG A 54 26.14 16.63 -5.51
N GLN A 55 24.97 17.23 -5.26
CA GLN A 55 24.93 18.19 -4.18
C GLN A 55 24.57 17.58 -2.82
N ILE A 56 24.46 16.25 -2.70
CA ILE A 56 24.26 15.63 -1.39
C ILE A 56 25.35 14.62 -1.07
N TYR A 57 26.32 14.40 -1.96
CA TYR A 57 27.40 13.45 -1.71
C TYR A 57 28.10 13.70 -0.37
N ASP A 58 28.27 14.95 0.04
CA ASP A 58 28.98 15.16 1.29
C ASP A 58 28.10 15.00 2.52
N LYS A 59 26.82 14.70 2.36
CA LYS A 59 25.93 14.42 3.49
C LYS A 59 25.80 12.92 3.77
N PHE A 60 26.45 12.08 2.98
CA PHE A 60 26.32 10.63 3.09
C PHE A 60 27.71 10.00 2.96
N PRO A 61 27.88 8.73 3.32
CA PRO A 61 29.21 8.11 3.23
C PRO A 61 29.78 8.16 1.82
N GLU A 62 31.10 8.33 1.75
CA GLU A 62 31.81 8.48 0.48
C GLU A 62 32.87 7.40 0.32
N LYS A 63 33.61 7.49 -0.79
CA LYS A 63 34.67 6.52 -1.16
C LYS A 63 34.04 5.13 -1.31
N LYS A 64 34.73 4.07 -0.88
CA LYS A 64 34.28 2.70 -1.14
C LYS A 64 32.96 2.43 -0.43
N GLY A 65 31.99 1.89 -1.17
CA GLY A 65 30.67 1.62 -0.62
C GLY A 65 29.80 2.84 -0.44
N GLY A 66 30.29 4.02 -0.81
CA GLY A 66 29.55 5.25 -0.62
C GLY A 66 28.47 5.48 -1.68
N LEU A 67 27.80 6.61 -1.54
CA LEU A 67 26.61 6.85 -2.35
C LEU A 67 26.95 7.01 -3.82
N LYS A 68 28.04 7.71 -4.13
CA LYS A 68 28.45 7.88 -5.53
C LYS A 68 28.72 6.54 -6.18
N GLU A 69 29.43 5.67 -5.49
CA GLU A 69 29.70 4.33 -6.02
C GLU A 69 28.39 3.57 -6.25
N LEU A 70 27.48 3.60 -5.28
CA LEU A 70 26.20 2.91 -5.42
C LEU A 70 25.44 3.44 -6.62
N PHE A 71 25.34 4.77 -6.74
CA PHE A 71 24.56 5.37 -7.82
C PHE A 71 25.15 5.02 -9.18
N GLY A 72 26.48 5.00 -9.30
CA GLY A 72 27.12 4.61 -10.54
C GLY A 72 26.81 3.19 -10.97
N LYS A 73 26.68 2.27 -10.01
CA LYS A 73 26.31 0.90 -10.36
C LYS A 73 24.85 0.79 -10.78
N GLY A 74 24.00 1.71 -10.30
CA GLY A 74 22.60 1.73 -10.67
C GLY A 74 21.79 0.59 -10.10
N PRO A 75 20.55 0.43 -10.58
CA PRO A 75 19.84 1.28 -11.55
C PRO A 75 19.49 2.65 -10.98
N GLN A 76 19.63 3.70 -11.78
CA GLN A 76 19.47 5.05 -11.25
C GLN A 76 18.03 5.37 -10.90
N ASN A 77 17.06 4.64 -11.46
CA ASN A 77 15.66 4.87 -11.10
C ASN A 77 15.29 4.34 -9.71
N ALA A 78 16.22 3.69 -9.00
CA ALA A 78 15.98 3.21 -7.64
C ALA A 78 16.40 4.21 -6.57
N PHE A 79 16.92 5.38 -6.94
CA PHE A 79 17.53 6.30 -5.99
C PHE A 79 16.64 7.49 -5.73
N PHE A 80 16.36 7.73 -4.45
CA PHE A 80 15.50 8.82 -4.04
C PHE A 80 16.14 9.58 -2.90
N LEU A 81 15.83 10.86 -2.84
CA LEU A 81 16.06 11.67 -1.67
C LEU A 81 14.70 11.87 -1.01
N VAL A 82 14.61 11.59 0.28
CA VAL A 82 13.35 11.75 1.00
C VAL A 82 13.60 12.66 2.18
N LYS A 83 12.85 13.75 2.22
CA LYS A 83 12.90 14.67 3.34
C LYS A 83 11.79 14.31 4.32
N PHE A 84 12.16 14.13 5.58
CA PHE A 84 11.21 13.81 6.63
C PHE A 84 11.06 14.98 7.59
N TRP A 85 9.83 15.27 7.99
CA TRP A 85 9.54 16.20 9.06
C TRP A 85 9.19 15.37 10.28
N ALA A 86 10.00 15.48 11.33
CA ALA A 86 9.84 14.67 12.53
C ALA A 86 8.95 15.36 13.55
N ASP A 87 8.09 14.57 14.17
CA ASP A 87 7.18 15.06 15.20
C ASP A 87 7.81 14.72 16.55
N LEU A 88 8.29 15.73 17.26
CA LEU A 88 8.90 15.55 18.56
C LEU A 88 8.01 15.98 19.71
N ASN A 89 6.73 16.28 19.45
CA ASN A 89 5.77 16.67 20.50
C ASN A 89 5.27 15.42 21.19
N CYS A 90 6.05 14.96 22.14
CA CYS A 90 5.73 13.73 22.87
CA CYS A 90 5.68 13.77 22.88
C CYS A 90 6.24 13.85 24.29
N ASN A 91 5.42 13.52 25.27
CA ASN A 91 5.84 13.50 26.66
C ASN A 91 6.52 12.17 26.95
N ILE A 92 7.83 12.22 27.21
CA ILE A 92 8.58 11.01 27.53
C ILE A 92 8.51 10.86 29.05
N GLN A 93 7.63 9.97 29.51
CA GLN A 93 7.34 9.74 30.94
C GLN A 93 8.45 9.02 31.67
N GLY A 97 7.60 2.37 31.49
CA GLY A 97 7.78 1.28 30.56
C GLY A 97 7.71 1.81 29.13
N ALA A 98 8.85 1.80 28.41
CA ALA A 98 8.97 2.46 27.11
C ALA A 98 9.66 1.56 26.11
N PHE A 99 9.13 1.53 24.88
CA PHE A 99 9.75 0.78 23.79
C PHE A 99 9.90 1.73 22.61
N TYR A 100 11.13 1.97 22.19
CA TYR A 100 11.44 2.75 21.01
C TYR A 100 11.62 1.75 19.88
N GLY A 101 10.87 1.90 18.79
CA GLY A 101 10.88 0.91 17.74
C GLY A 101 10.82 1.51 16.34
N VAL A 102 11.13 0.66 15.36
CA VAL A 102 11.07 1.00 13.94
C VAL A 102 10.31 -0.10 13.21
N THR A 103 9.38 0.28 12.35
CA THR A 103 8.66 -0.70 11.55
C THR A 103 8.74 -0.32 10.08
N SER A 104 8.94 -1.31 9.22
CA SER A 104 8.89 -1.00 7.79
C SER A 104 8.37 -2.19 7.01
N GLN A 105 7.76 -1.90 5.86
CA GLN A 105 7.25 -2.95 4.99
C GLN A 105 7.55 -2.60 3.54
N TYR A 106 8.10 -3.55 2.83
CA TYR A 106 8.35 -3.46 1.40
C TYR A 106 7.49 -4.48 0.68
N GLU A 107 7.25 -4.24 -0.61
CA GLU A 107 6.43 -5.13 -1.44
C GLU A 107 7.04 -5.26 -2.82
N SER A 108 6.87 -6.44 -3.38
N SER A 108 6.87 -6.44 -3.40
CA SER A 108 7.39 -6.74 -4.70
CA SER A 108 7.44 -6.76 -4.70
C SER A 108 6.48 -7.74 -5.41
C SER A 108 6.60 -7.82 -5.40
N SER A 109 6.62 -7.77 -6.73
CA SER A 109 5.99 -8.78 -7.55
C SER A 109 6.84 -10.03 -7.65
N GLU A 110 8.12 -9.96 -7.32
CA GLU A 110 9.03 -11.09 -7.43
C GLU A 110 9.35 -11.65 -6.05
N ASN A 111 9.56 -12.96 -6.02
CA ASN A 111 9.93 -13.67 -4.80
C ASN A 111 11.45 -13.56 -4.65
N MET A 112 11.90 -12.82 -3.63
CA MET A 112 13.29 -12.44 -3.45
C MET A 112 13.62 -12.56 -1.98
N THR A 113 14.89 -12.69 -1.67
CA THR A 113 15.39 -12.43 -0.34
C THR A 113 16.10 -11.09 -0.39
N VAL A 114 15.73 -10.17 0.50
CA VAL A 114 16.29 -8.81 0.45
C VAL A 114 17.11 -8.54 1.70
N THR A 115 18.09 -7.65 1.56
CA THR A 115 18.83 -7.14 2.71
C THR A 115 18.57 -5.64 2.78
N CYS A 116 18.22 -5.16 3.98
CA CYS A 116 17.98 -3.74 4.19
CA CYS A 116 17.98 -3.74 4.21
C CYS A 116 19.09 -3.19 5.09
N SER A 117 19.88 -2.27 4.54
CA SER A 117 20.96 -1.63 5.26
C SER A 117 20.53 -0.22 5.68
N THR A 118 20.63 0.08 6.97
CA THR A 118 20.34 1.39 7.52
C THR A 118 21.63 1.96 8.06
N LYS A 119 22.09 3.07 7.50
CA LYS A 119 23.30 3.75 7.98
C LYS A 119 22.91 5.11 8.52
N VAL A 120 23.12 5.31 9.82
CA VAL A 120 22.86 6.59 10.46
C VAL A 120 24.14 7.41 10.39
N CYS A 121 24.04 8.65 9.92
CA CYS A 121 25.21 9.45 9.60
C CYS A 121 25.20 10.79 10.30
N SER A 122 26.38 11.20 10.74
CA SER A 122 26.58 12.48 11.40
C SER A 122 27.65 13.22 10.63
N PHE A 123 27.33 14.41 10.14
CA PHE A 123 28.25 15.19 9.29
C PHE A 123 28.73 14.37 8.12
N GLY A 124 27.83 13.56 7.54
CA GLY A 124 28.16 12.77 6.38
C GLY A 124 28.90 11.47 6.64
N LYS A 125 29.26 11.18 7.88
CA LYS A 125 30.00 9.96 8.21
C LYS A 125 29.12 8.99 8.98
N GLN A 126 29.23 7.71 8.63
CA GLN A 126 28.47 6.66 9.31
C GLN A 126 28.87 6.56 10.77
N VAL A 127 27.91 6.65 11.67
CA VAL A 127 28.16 6.46 13.09
C VAL A 127 27.64 5.12 13.59
N VAL A 128 26.47 4.66 13.10
CA VAL A 128 25.97 3.32 13.42
C VAL A 128 25.29 2.75 12.18
N GLU A 129 25.22 1.43 12.12
CA GLU A 129 24.70 0.76 10.94
C GLU A 129 23.97 -0.50 11.36
N LYS A 130 22.91 -0.85 10.63
CA LYS A 130 22.26 -2.13 10.81
C LYS A 130 21.93 -2.74 9.46
N VAL A 131 22.06 -4.07 9.38
CA VAL A 131 21.71 -4.83 8.19
C VAL A 131 20.72 -5.90 8.63
N GLU A 132 19.55 -5.89 8.02
CA GLU A 132 18.45 -6.81 8.32
C GLU A 132 18.15 -7.59 7.06
N THR A 133 17.87 -8.88 7.21
CA THR A 133 17.53 -9.75 6.09
C THR A 133 16.08 -10.17 6.19
N GLU A 134 15.36 -10.13 5.07
CA GLU A 134 13.94 -10.46 5.12
C GLU A 134 13.58 -11.33 3.94
N TYR A 135 12.81 -12.36 4.21
CA TYR A 135 12.36 -13.32 3.21
C TYR A 135 10.94 -12.98 2.82
N ALA A 136 10.68 -13.12 1.52
CA ALA A 136 9.37 -12.82 0.96
C ALA A 136 8.28 -13.69 1.58
N ARG A 137 7.14 -13.06 1.86
CA ARG A 137 5.94 -13.75 2.32
C ARG A 137 4.84 -13.47 1.30
N PHE A 138 4.21 -14.51 0.77
CA PHE A 138 3.14 -14.30 -0.20
C PHE A 138 1.88 -13.87 0.52
N GLU A 139 1.33 -12.72 0.12
CA GLU A 139 0.16 -12.14 0.77
C GLU A 139 -0.73 -11.49 -0.27
N ASN A 140 -1.94 -12.04 -0.44
CA ASN A 140 -2.98 -11.42 -1.27
C ASN A 140 -2.46 -11.00 -2.64
N GLY A 141 -1.66 -11.85 -3.25
CA GLY A 141 -1.26 -11.69 -4.63
C GLY A 141 0.12 -11.12 -4.86
N ARG A 142 0.83 -10.68 -3.81
CA ARG A 142 2.15 -10.10 -3.99
C ARG A 142 3.04 -10.54 -2.82
N PHE A 143 4.34 -10.24 -2.94
CA PHE A 143 5.30 -10.62 -1.91
C PHE A 143 5.57 -9.44 -1.00
N VAL A 144 5.55 -9.70 0.30
CA VAL A 144 5.67 -8.69 1.34
C VAL A 144 6.92 -8.98 2.17
N TYR A 145 7.68 -7.93 2.48
CA TYR A 145 8.88 -8.01 3.32
C TYR A 145 8.62 -7.12 4.51
N ARG A 146 8.36 -7.70 5.67
CA ARG A 146 8.01 -6.93 6.85
CA ARG A 146 7.98 -6.97 6.87
C ARG A 146 9.08 -7.02 7.91
N ILE A 147 9.55 -5.86 8.36
CA ILE A 147 10.45 -5.75 9.50
C ILE A 147 9.59 -5.11 10.58
N ASN A 148 8.99 -5.93 11.43
CA ASN A 148 7.98 -5.44 12.38
C ASN A 148 8.64 -5.11 13.72
N ARG A 149 8.41 -3.90 14.23
CA ARG A 149 8.72 -3.54 15.61
C ARG A 149 10.17 -3.89 15.98
N SER A 150 11.09 -3.40 15.21
CA SER A 150 12.49 -3.63 15.50
C SER A 150 12.97 -2.61 16.53
N PRO A 151 13.67 -3.02 17.58
CA PRO A 151 14.11 -2.03 18.59
C PRO A 151 14.99 -0.96 17.96
N MET A 152 14.72 0.29 18.30
CA MET A 152 15.58 1.41 17.92
C MET A 152 16.94 1.26 18.60
N CYS A 153 18.01 1.60 17.90
CA CYS A 153 19.33 1.49 18.53
C CYS A 153 19.49 2.57 19.60
N GLU A 154 20.32 2.27 20.59
CA GLU A 154 20.53 3.20 21.70
C GLU A 154 21.02 4.56 21.21
N TYR A 155 21.85 4.57 20.16
CA TYR A 155 22.34 5.84 19.65
C TYR A 155 21.18 6.77 19.31
N MET A 156 20.19 6.26 18.54
CA MET A 156 19.02 7.06 18.17
C MET A 156 18.12 7.41 19.34
N ILE A 157 17.93 6.51 20.30
CA ILE A 157 17.12 6.86 21.47
C ILE A 157 17.76 8.04 22.20
N ASN A 158 19.06 7.95 22.43
CA ASN A 158 19.79 9.02 23.10
C ASN A 158 19.76 10.31 22.29
N PHE A 159 19.93 10.21 20.97
CA PHE A 159 19.86 11.41 20.11
C PHE A 159 18.49 12.09 20.20
N ILE A 160 17.43 11.29 20.15
CA ILE A 160 16.07 11.84 20.29
C ILE A 160 15.91 12.55 21.64
N HIS A 161 16.42 11.96 22.72
CA HIS A 161 16.30 12.63 24.02
C HIS A 161 17.03 13.97 24.04
N LYS A 162 18.25 14.01 23.53
CA LYS A 162 19.01 15.26 23.57
C LYS A 162 18.43 16.29 22.61
N LEU A 163 17.92 15.85 21.47
CA LEU A 163 17.25 16.78 20.54
C LEU A 163 16.02 17.41 21.19
N LYS A 164 15.19 16.60 21.85
CA LYS A 164 13.97 17.09 22.49
C LYS A 164 14.26 18.04 23.63
N HIS A 165 15.42 17.90 24.27
CA HIS A 165 15.79 18.74 25.38
C HIS A 165 16.12 20.18 24.97
N LEU A 166 16.34 20.45 23.68
CA LEU A 166 16.59 21.82 23.23
C LEU A 166 15.34 22.67 23.40
N PRO A 167 15.48 23.95 23.75
CA PRO A 167 14.29 24.76 24.03
C PRO A 167 13.60 25.33 22.80
N GLU A 168 14.25 25.35 21.65
CA GLU A 168 13.69 25.98 20.48
C GLU A 168 13.79 25.06 19.26
N LYS A 169 12.75 25.14 18.43
CA LYS A 169 12.71 24.37 17.18
C LYS A 169 13.89 24.67 16.29
N TYR A 170 14.31 25.95 16.20
CA TYR A 170 15.39 26.28 15.28
CA TYR A 170 15.39 26.28 15.28
C TYR A 170 16.70 25.62 15.70
N MET A 171 16.94 25.44 17.01
CA MET A 171 18.16 24.75 17.41
C MET A 171 18.11 23.28 17.00
N MET A 172 16.94 22.66 17.13
CA MET A 172 16.72 21.28 16.69
C MET A 172 17.02 21.17 15.20
N ASN A 173 16.49 22.12 14.43
CA ASN A 173 16.73 22.09 12.99
C ASN A 173 18.21 22.26 12.66
N SER A 174 18.96 23.05 13.45
CA SER A 174 20.39 23.19 13.20
C SER A 174 21.12 21.88 13.43
N VAL A 175 20.73 21.13 14.46
CA VAL A 175 21.34 19.82 14.70
C VAL A 175 20.99 18.84 13.57
N LEU A 176 19.73 18.84 13.12
CA LEU A 176 19.29 17.91 12.09
C LEU A 176 19.87 18.21 10.73
N GLU A 177 20.38 19.42 10.52
CA GLU A 177 21.03 19.74 9.25
C GLU A 177 22.19 18.81 8.99
N ASN A 178 22.80 18.25 10.04
CA ASN A 178 23.96 17.38 9.90
C ASN A 178 23.64 15.92 10.17
N PHE A 179 22.36 15.59 10.31
CA PHE A 179 21.93 14.23 10.60
C PHE A 179 21.24 13.66 9.37
N THR A 180 21.74 12.53 8.86
CA THR A 180 21.10 11.88 7.71
C THR A 180 21.05 10.37 7.92
N ILE A 181 20.22 9.70 7.13
CA ILE A 181 20.11 8.25 7.17
C ILE A 181 20.11 7.75 5.73
N LEU A 182 20.90 6.73 5.45
CA LEU A 182 20.97 6.13 4.14
C LEU A 182 20.38 4.73 4.23
N LEU A 183 19.29 4.50 3.51
CA LEU A 183 18.64 3.20 3.47
CA LEU A 183 18.63 3.20 3.47
C LEU A 183 18.92 2.57 2.12
N VAL A 184 19.45 1.35 2.13
CA VAL A 184 19.71 0.64 0.89
C VAL A 184 19.11 -0.75 0.97
N VAL A 185 18.27 -1.10 0.00
CA VAL A 185 17.68 -2.43 -0.06
C VAL A 185 18.24 -3.15 -1.27
N THR A 186 18.73 -4.36 -1.04
CA THR A 186 19.47 -5.12 -2.03
C THR A 186 18.83 -6.49 -2.19
N ASN A 187 18.78 -6.97 -3.43
CA ASN A 187 18.41 -8.37 -3.68
C ASN A 187 19.58 -9.22 -3.23
N ARG A 188 19.40 -10.04 -2.19
CA ARG A 188 20.57 -10.70 -1.61
C ARG A 188 21.21 -11.70 -2.59
N ASP A 189 20.46 -12.24 -3.52
CA ASP A 189 20.99 -13.29 -4.37
C ASP A 189 21.67 -12.75 -5.63
N THR A 190 21.22 -11.61 -6.18
CA THR A 190 21.85 -11.01 -7.34
C THR A 190 22.71 -9.78 -7.01
N GLN A 191 22.67 -9.31 -5.76
CA GLN A 191 23.34 -8.10 -5.29
C GLN A 191 22.90 -6.85 -6.03
N GLU A 192 21.77 -6.86 -6.73
CA GLU A 192 21.31 -5.64 -7.35
C GLU A 192 20.66 -4.72 -6.32
N THR A 193 20.94 -3.42 -6.45
CA THR A 193 20.28 -2.43 -5.60
C THR A 193 18.83 -2.32 -6.01
N LEU A 194 17.93 -2.60 -5.08
CA LEU A 194 16.50 -2.52 -5.35
C LEU A 194 15.96 -1.14 -5.03
N LEU A 195 16.45 -0.51 -3.96
CA LEU A 195 15.96 0.77 -3.52
C LEU A 195 17.05 1.44 -2.68
N CYS A 196 17.25 2.73 -2.91
CA CYS A 196 18.15 3.51 -2.09
C CYS A 196 17.45 4.82 -1.74
N MET A 197 17.33 5.11 -0.45
CA MET A 197 16.69 6.33 0.01
C MET A 197 17.70 7.09 0.86
N ALA A 198 18.08 8.25 0.38
CA ALA A 198 18.89 9.21 1.12
C ALA A 198 17.94 10.09 1.91
N CYS A 199 17.97 9.99 3.22
CA CYS A 199 16.98 10.65 4.07
C CYS A 199 17.58 11.87 4.75
N VAL A 200 16.86 13.01 4.68
CA VAL A 200 17.21 14.20 5.42
C VAL A 200 16.01 14.61 6.28
N PHE A 201 16.26 15.48 7.26
CA PHE A 201 15.34 15.66 8.37
C PHE A 201 15.22 17.11 8.81
N GLU A 202 14.01 17.44 9.24
CA GLU A 202 13.65 18.72 9.83
C GLU A 202 12.60 18.41 10.89
N VAL A 203 12.37 19.35 11.79
CA VAL A 203 11.32 19.22 12.78
C VAL A 203 10.00 19.69 12.19
N SER A 204 8.94 18.93 12.46
CA SER A 204 7.62 19.31 11.96
C SER A 204 7.21 20.66 12.54
N ASN A 205 6.62 21.48 11.69
CA ASN A 205 6.08 22.78 12.05
C ASN A 205 4.57 22.85 11.92
N SER A 206 4.00 22.23 10.89
CA SER A 206 2.56 22.20 10.73
C SER A 206 1.94 21.26 11.75
N GLU A 207 0.82 21.67 12.33
CA GLU A 207 0.18 20.81 13.31
C GLU A 207 -0.56 19.66 12.67
N HIS A 208 -0.25 19.33 11.42
CA HIS A 208 -0.58 18.01 10.88
C HIS A 208 0.53 17.00 11.17
N GLY A 209 1.60 17.43 11.85
CA GLY A 209 2.60 16.50 12.37
C GLY A 209 3.65 16.04 11.38
N ALA A 210 4.02 14.78 11.46
CA ALA A 210 5.07 14.22 10.63
C ALA A 210 4.61 14.11 9.19
N GLN A 211 5.53 14.37 8.26
CA GLN A 211 5.24 14.37 6.82
C GLN A 211 6.53 13.99 6.10
N HIS A 212 6.43 13.74 4.81
CA HIS A 212 7.64 13.49 4.03
C HIS A 212 7.44 13.98 2.61
N HIS A 213 8.57 14.17 1.90
CA HIS A 213 8.56 14.67 0.54
C HIS A 213 9.60 13.88 -0.26
N ILE A 214 9.24 13.41 -1.44
CA ILE A 214 10.06 12.52 -2.24
C ILE A 214 10.63 13.26 -3.44
N TYR A 215 11.89 13.00 -3.74
CA TYR A 215 12.59 13.52 -4.91
C TYR A 215 13.34 12.38 -5.55
N ARG A 216 13.41 12.39 -6.89
CA ARG A 216 14.27 11.48 -7.62
CA ARG A 216 14.28 11.46 -7.57
C ARG A 216 15.68 12.02 -7.63
N LEU A 217 16.68 11.16 -7.46
CA LEU A 217 18.07 11.56 -7.51
C LEU A 217 18.58 11.31 -8.92
N VAL A 218 19.13 12.35 -9.57
CA VAL A 218 19.65 12.27 -10.94
C VAL A 218 21.09 12.77 -10.97
N LYS A 219 21.82 12.36 -12.02
CA LYS A 219 23.25 12.66 -12.10
C LYS A 219 23.49 14.02 -12.74
N GLY B 1 0.29 3.46 -13.53
CA GLY B 1 0.28 4.09 -12.22
C GLY B 1 0.46 3.11 -11.07
N PRO B 2 -0.17 3.41 -9.94
CA PRO B 2 0.06 2.62 -8.72
C PRO B 2 -0.69 1.28 -8.75
N ARG B 3 -0.32 0.42 -7.81
CA ARG B 3 -0.99 -0.86 -7.63
C ARG B 3 -2.31 -0.67 -6.87
N SER B 4 -2.33 0.17 -5.82
CA SER B 4 -3.55 0.39 -5.07
C SER B 4 -4.51 1.29 -5.85
N ILE B 5 -5.77 1.28 -5.43
CA ILE B 5 -6.86 1.94 -6.14
C ILE B 5 -7.42 3.08 -5.29
N GLY B 6 -7.27 4.32 -5.75
CA GLY B 6 -7.94 5.42 -5.10
C GLY B 6 -7.08 6.64 -5.07
N THR B 7 -7.37 7.50 -4.10
CA THR B 7 -6.66 8.76 -3.87
C THR B 7 -6.23 8.83 -2.41
N THR B 8 -5.52 9.91 -2.07
CA THR B 8 -5.11 10.16 -0.68
C THR B 8 -6.29 10.04 0.27
N LYS B 9 -7.44 10.56 -0.13
CA LYS B 9 -8.61 10.53 0.73
C LYS B 9 -9.03 9.09 1.06
N LEU B 10 -8.88 8.17 0.11
CA LEU B 10 -9.19 6.76 0.37
C LEU B 10 -8.66 5.85 -0.74
N ARG B 11 -7.85 4.88 -0.36
CA ARG B 11 -7.26 3.94 -1.31
C ARG B 11 -7.57 2.54 -0.86
N LEU B 12 -7.98 1.69 -1.80
CA LEU B 12 -8.04 0.25 -1.56
C LEU B 12 -6.64 -0.29 -1.81
N VAL B 13 -5.99 -0.82 -0.77
CA VAL B 13 -4.59 -1.22 -0.89
C VAL B 13 -4.41 -2.73 -0.86
N GLU B 14 -5.43 -3.47 -0.46
CA GLU B 14 -5.29 -4.91 -0.36
C GLU B 14 -6.66 -5.47 -0.64
N PHE B 15 -6.70 -6.50 -1.47
CA PHE B 15 -7.96 -7.13 -1.79
C PHE B 15 -7.68 -8.53 -2.30
N SER B 16 -8.49 -9.48 -1.88
CA SER B 16 -8.46 -10.79 -2.49
C SER B 16 -9.75 -11.52 -2.17
N ALA B 17 -10.17 -12.36 -3.11
CA ALA B 17 -11.27 -13.29 -2.91
C ALA B 17 -10.68 -14.67 -3.09
N PHE B 18 -10.93 -15.56 -2.13
CA PHE B 18 -10.11 -16.75 -2.04
C PHE B 18 -10.92 -17.95 -1.54
N LEU B 19 -10.31 -19.13 -1.67
CA LEU B 19 -10.82 -20.38 -1.14
C LEU B 19 -9.73 -21.02 -0.30
N GLU B 20 -10.03 -21.30 0.97
CA GLU B 20 -9.12 -22.06 1.85
C GLU B 20 -9.68 -23.45 2.03
N GLN B 21 -8.80 -24.45 1.93
CA GLN B 21 -9.19 -25.85 2.05
C GLN B 21 -8.23 -26.56 3.01
N GLN B 22 -8.77 -27.23 4.00
CA GLN B 22 -7.95 -28.05 4.90
C GLN B 22 -7.95 -29.46 4.34
N ARG B 23 -6.85 -29.85 3.76
CA ARG B 23 -6.74 -31.15 3.17
C ARG B 23 -6.40 -32.25 4.16
N ASP B 24 -5.45 -32.01 5.04
CA ASP B 24 -4.95 -32.99 6.01
C ASP B 24 -4.92 -32.32 7.38
N PRO B 25 -4.63 -33.03 8.47
CA PRO B 25 -4.70 -32.38 9.79
C PRO B 25 -3.67 -31.28 10.02
N ASP B 26 -2.52 -31.27 9.34
CA ASP B 26 -1.51 -30.24 9.60
C ASP B 26 -1.22 -29.37 8.38
N SER B 27 -2.09 -29.37 7.39
CA SER B 27 -1.77 -28.60 6.20
C SER B 27 -3.03 -27.99 5.64
N TYR B 28 -2.89 -26.84 4.98
CA TYR B 28 -4.00 -26.25 4.27
C TYR B 28 -3.52 -25.61 2.98
N ASN B 29 -4.49 -25.43 2.07
CA ASN B 29 -4.34 -24.78 0.78
C ASN B 29 -5.10 -23.47 0.80
N LYS B 30 -4.57 -22.46 0.10
CA LYS B 30 -5.28 -21.21 -0.12
C LYS B 30 -5.12 -20.88 -1.59
N HIS B 31 -6.23 -20.65 -2.27
CA HIS B 31 -6.24 -20.27 -3.67
C HIS B 31 -6.90 -18.92 -3.81
N LEU B 32 -6.29 -18.02 -4.56
CA LEU B 32 -6.81 -16.68 -4.79
C LEU B 32 -7.49 -16.62 -6.16
N PHE B 33 -8.79 -16.32 -6.19
CA PHE B 33 -9.50 -16.15 -7.46
C PHE B 33 -9.19 -14.79 -8.09
N VAL B 34 -9.29 -13.72 -7.32
CA VAL B 34 -8.94 -12.37 -7.76
C VAL B 34 -8.19 -11.67 -6.64
N HIS B 35 -7.38 -10.67 -7.00
CA HIS B 35 -6.66 -9.88 -6.00
C HIS B 35 -6.07 -8.65 -6.69
N ILE B 36 -5.57 -7.69 -5.89
CA ILE B 36 -4.93 -6.51 -6.48
C ILE B 36 -3.43 -6.51 -6.20
N GLY B 37 -2.81 -7.69 -6.17
CA GLY B 37 -1.39 -7.79 -5.95
C GLY B 37 -0.51 -7.69 -7.19
N HIS B 38 -1.05 -7.81 -8.40
CA HIS B 38 -0.27 -7.86 -9.63
C HIS B 38 -0.85 -6.90 -10.67
N ALA B 39 -0.43 -5.64 -10.64
CA ALA B 39 -0.90 -4.69 -11.63
C ALA B 39 -0.48 -5.08 -13.04
N ASN B 40 -1.45 -5.12 -13.94
CA ASN B 40 -1.26 -5.34 -15.38
C ASN B 40 -0.79 -4.07 -16.07
N HIS B 41 -1.14 -2.91 -15.54
CA HIS B 41 -0.71 -1.65 -16.10
C HIS B 41 0.69 -1.34 -15.58
N SER B 42 1.38 -0.43 -16.26
CA SER B 42 2.77 -0.12 -15.91
C SER B 42 2.86 0.79 -14.69
N TYR B 43 3.78 0.47 -13.77
CA TYR B 43 4.12 1.39 -12.70
C TYR B 43 5.02 2.53 -13.18
N SER B 44 5.56 2.44 -14.41
CA SER B 44 6.48 3.46 -14.94
C SER B 44 5.76 4.74 -15.34
N ASP B 45 4.64 4.64 -16.06
CA ASP B 45 3.83 5.84 -16.26
C ASP B 45 3.24 6.21 -14.91
N PRO B 46 3.44 7.42 -14.41
CA PRO B 46 2.72 7.81 -13.19
C PRO B 46 1.23 8.02 -13.42
N LEU B 47 0.83 8.26 -14.67
CA LEU B 47 -0.56 8.57 -15.01
C LEU B 47 -1.35 7.33 -15.41
N LEU B 48 -2.57 7.24 -14.91
CA LEU B 48 -3.48 6.17 -15.29
C LEU B 48 -4.12 6.45 -16.64
N GLU B 49 -4.35 5.39 -17.41
CA GLU B 49 -5.21 5.46 -18.58
C GLU B 49 -6.63 5.78 -18.14
N SER B 50 -7.39 6.38 -19.04
CA SER B 50 -8.76 6.76 -18.75
C SER B 50 -9.72 5.99 -19.63
N VAL B 51 -10.95 5.90 -19.14
CA VAL B 51 -12.05 5.22 -19.80
C VAL B 51 -13.26 6.12 -19.68
N ASP B 52 -13.94 6.35 -20.80
CA ASP B 52 -15.13 7.18 -20.83
C ASP B 52 -16.26 6.47 -20.12
N ILE B 53 -16.80 7.08 -19.06
CA ILE B 53 -17.77 6.39 -18.21
C ILE B 53 -19.06 6.10 -18.94
N ARG B 54 -19.39 6.90 -19.97
CA ARG B 54 -20.64 6.70 -20.69
C ARG B 54 -20.70 5.33 -21.37
N GLN B 55 -19.55 4.74 -21.69
CA GLN B 55 -19.57 3.42 -22.33
C GLN B 55 -19.61 2.24 -21.36
N ILE B 56 -19.75 2.46 -20.05
CA ILE B 56 -19.97 1.37 -19.12
C ILE B 56 -21.25 1.50 -18.31
N TYR B 57 -22.06 2.55 -18.57
CA TYR B 57 -23.31 2.73 -17.85
C TYR B 57 -24.22 1.52 -17.91
N ASP B 58 -24.27 0.82 -19.04
CA ASP B 58 -25.22 -0.29 -19.12
C ASP B 58 -24.72 -1.56 -18.44
N LYS B 59 -23.48 -1.58 -17.95
CA LYS B 59 -22.97 -2.73 -17.21
C LYS B 59 -23.15 -2.61 -15.70
N PHE B 60 -23.74 -1.52 -15.24
CA PHE B 60 -23.87 -1.24 -13.81
C PHE B 60 -25.27 -0.69 -13.55
N PRO B 61 -25.72 -0.68 -12.28
CA PRO B 61 -27.07 -0.18 -11.99
C PRO B 61 -27.29 1.25 -12.46
N GLU B 62 -28.53 1.53 -12.88
CA GLU B 62 -28.86 2.82 -13.49
C GLU B 62 -30.03 3.47 -12.75
N LYS B 63 -30.38 4.67 -13.20
CA LYS B 63 -31.43 5.48 -12.58
C LYS B 63 -31.02 5.81 -11.14
N LYS B 64 -32.00 5.93 -10.23
CA LYS B 64 -31.73 6.42 -8.89
C LYS B 64 -30.69 5.56 -8.20
N GLY B 65 -29.69 6.21 -7.59
CA GLY B 65 -28.61 5.50 -6.93
C GLY B 65 -27.64 4.80 -7.86
N GLY B 66 -27.82 4.89 -9.17
CA GLY B 66 -26.93 4.22 -10.11
C GLY B 66 -25.65 4.99 -10.37
N LEU B 67 -24.84 4.44 -11.29
CA LEU B 67 -23.49 4.94 -11.47
C LEU B 67 -23.47 6.36 -12.03
N LYS B 68 -24.37 6.66 -12.97
CA LYS B 68 -24.38 7.99 -13.57
C LYS B 68 -24.69 9.06 -12.51
N GLU B 69 -25.66 8.79 -11.66
CA GLU B 69 -25.98 9.73 -10.60
C GLU B 69 -24.85 9.86 -9.56
N LEU B 70 -24.20 8.75 -9.20
CA LEU B 70 -23.05 8.83 -8.29
C LEU B 70 -21.94 9.68 -8.90
N PHE B 71 -21.58 9.40 -10.16
CA PHE B 71 -20.52 10.15 -10.82
C PHE B 71 -20.86 11.62 -10.96
N GLY B 72 -22.12 11.93 -11.24
CA GLY B 72 -22.52 13.32 -11.32
C GLY B 72 -22.36 14.06 -10.00
N LYS B 73 -22.59 13.38 -8.87
CA LYS B 73 -22.37 14.05 -7.58
C LYS B 73 -20.90 14.19 -7.26
N GLY B 74 -20.05 13.28 -7.73
CA GLY B 74 -18.63 13.41 -7.53
C GLY B 74 -18.17 13.02 -6.14
N PRO B 75 -16.88 13.26 -5.83
CA PRO B 75 -15.85 13.86 -6.69
C PRO B 75 -15.42 12.93 -7.81
N GLN B 76 -15.26 13.45 -9.01
CA GLN B 76 -15.01 12.58 -10.14
C GLN B 76 -13.64 11.92 -10.05
N ASN B 77 -12.73 12.45 -9.23
CA ASN B 77 -11.43 11.82 -9.13
C ASN B 77 -11.45 10.56 -8.28
N ALA B 78 -12.57 10.21 -7.69
CA ALA B 78 -12.72 9.01 -6.88
C ALA B 78 -13.24 7.81 -7.66
N PHE B 79 -13.45 7.93 -8.97
CA PHE B 79 -14.12 6.90 -9.76
C PHE B 79 -13.15 6.14 -10.66
N PHE B 80 -13.16 4.81 -10.55
CA PHE B 80 -12.23 3.98 -11.29
C PHE B 80 -12.98 2.80 -11.88
N LEU B 81 -12.48 2.34 -13.01
CA LEU B 81 -12.85 1.06 -13.60
C LEU B 81 -11.66 0.14 -13.39
N VAL B 82 -11.91 -1.05 -12.82
CA VAL B 82 -10.84 -1.99 -12.56
C VAL B 82 -11.20 -3.29 -13.24
N LYS B 83 -10.34 -3.74 -14.12
CA LYS B 83 -10.52 -5.02 -14.76
C LYS B 83 -9.71 -6.04 -13.99
N PHE B 84 -10.35 -7.15 -13.65
CA PHE B 84 -9.74 -8.25 -12.92
C PHE B 84 -9.68 -9.47 -13.84
N TRP B 85 -8.53 -10.14 -13.83
CA TRP B 85 -8.40 -11.46 -14.45
C TRP B 85 -8.51 -12.47 -13.33
N ALA B 86 -9.49 -13.36 -13.43
CA ALA B 86 -9.79 -14.34 -12.38
C ALA B 86 -9.05 -15.64 -12.63
N ASP B 87 -8.46 -16.19 -11.58
CA ASP B 87 -7.76 -17.46 -11.67
C ASP B 87 -8.72 -18.53 -11.17
N LEU B 88 -9.21 -19.36 -12.08
CA LEU B 88 -10.16 -20.41 -11.71
C LEU B 88 -9.51 -21.79 -11.66
N ASN B 89 -8.19 -21.87 -11.74
CA ASN B 89 -7.46 -23.14 -11.74
C ASN B 89 -7.29 -23.60 -10.29
N CYS B 90 -8.32 -24.21 -9.76
CA CYS B 90 -8.29 -24.65 -8.38
CA CYS B 90 -8.32 -24.63 -8.37
C CYS B 90 -9.11 -25.92 -8.27
N ASN B 91 -8.56 -26.90 -7.54
CA ASN B 91 -9.26 -28.16 -7.33
C ASN B 91 -10.17 -28.00 -6.13
N ILE B 92 -11.48 -27.97 -6.37
CA ILE B 92 -12.46 -27.84 -5.30
C ILE B 92 -12.74 -29.25 -4.78
N GLN B 93 -12.12 -29.59 -3.64
CA GLN B 93 -12.12 -30.92 -3.06
C GLN B 93 -13.43 -31.25 -2.35
N ASP B 94 -13.66 -32.55 -2.16
CA ASP B 94 -14.83 -33.04 -1.43
C ASP B 94 -14.47 -33.21 0.04
N ASP B 95 -15.32 -32.68 0.92
CA ASP B 95 -15.14 -32.73 2.37
C ASP B 95 -13.76 -32.19 2.77
N ALA B 96 -13.62 -30.86 2.68
CA ALA B 96 -12.34 -30.23 3.00
C ALA B 96 -12.49 -28.99 3.87
N GLY B 97 -13.60 -28.85 4.61
CA GLY B 97 -13.82 -27.68 5.43
C GLY B 97 -13.60 -26.36 4.72
N ALA B 98 -13.91 -26.32 3.42
CA ALA B 98 -13.64 -25.17 2.58
C ALA B 98 -14.24 -23.87 3.15
N PHE B 99 -13.46 -22.81 3.10
CA PHE B 99 -13.93 -21.48 3.45
C PHE B 99 -13.69 -20.56 2.25
N TYR B 100 -14.76 -19.99 1.74
CA TYR B 100 -14.72 -19.02 0.67
C TYR B 100 -14.77 -17.65 1.35
N GLY B 101 -13.74 -16.82 1.15
CA GLY B 101 -13.67 -15.56 1.85
C GLY B 101 -13.25 -14.40 0.97
N VAL B 102 -13.44 -13.20 1.51
CA VAL B 102 -13.02 -11.95 0.88
CA VAL B 102 -12.97 -11.97 0.87
C VAL B 102 -12.30 -11.11 1.93
N THR B 103 -11.17 -10.54 1.55
CA THR B 103 -10.42 -9.67 2.46
C THR B 103 -10.15 -8.37 1.75
N SER B 104 -10.30 -7.24 2.47
CA SER B 104 -9.96 -5.97 1.88
C SER B 104 -9.40 -5.02 2.94
N GLN B 105 -8.58 -4.08 2.48
CA GLN B 105 -8.02 -3.07 3.37
C GLN B 105 -8.00 -1.75 2.63
N TYR B 106 -8.44 -0.71 3.31
CA TYR B 106 -8.42 0.65 2.81
C TYR B 106 -7.52 1.49 3.70
N GLU B 107 -7.03 2.58 3.14
CA GLU B 107 -6.24 3.55 3.90
C GLU B 107 -6.73 4.94 3.56
N SER B 108 -6.64 5.83 4.54
CA SER B 108 -7.09 7.19 4.39
C SER B 108 -6.17 8.10 5.20
N SER B 109 -6.13 9.37 4.80
CA SER B 109 -5.46 10.39 5.58
C SER B 109 -6.36 10.95 6.67
N GLU B 110 -7.67 10.69 6.60
CA GLU B 110 -8.60 11.23 7.56
C GLU B 110 -9.24 10.12 8.39
N ASN B 111 -9.63 10.47 9.61
CA ASN B 111 -10.23 9.56 10.58
C ASN B 111 -11.73 9.65 10.37
N MET B 112 -12.35 8.55 9.94
CA MET B 112 -13.66 8.59 9.33
C MET B 112 -14.37 7.31 9.77
N THR B 113 -15.68 7.33 9.77
CA THR B 113 -16.44 6.09 9.76
C THR B 113 -16.92 5.90 8.32
N VAL B 114 -16.65 4.74 7.74
CA VAL B 114 -16.97 4.57 6.32
C VAL B 114 -17.98 3.45 6.15
N THR B 115 -18.74 3.56 5.06
CA THR B 115 -19.74 2.57 4.66
C THR B 115 -19.27 1.98 3.34
N CYS B 116 -19.10 0.66 3.29
CA CYS B 116 -18.62 -0.05 2.11
CA CYS B 116 -18.63 -0.04 2.10
C CYS B 116 -19.79 -0.81 1.49
N SER B 117 -20.20 -0.40 0.30
CA SER B 117 -21.31 -1.03 -0.40
C SER B 117 -20.77 -1.88 -1.55
N THR B 118 -21.10 -3.18 -1.55
CA THR B 118 -20.78 -4.08 -2.65
C THR B 118 -22.07 -4.48 -3.37
N LYS B 119 -22.18 -4.16 -4.66
CA LYS B 119 -23.32 -4.57 -5.46
C LYS B 119 -22.84 -5.52 -6.54
N VAL B 120 -23.33 -6.76 -6.50
CA VAL B 120 -23.01 -7.76 -7.50
C VAL B 120 -24.08 -7.68 -8.58
N CYS B 121 -23.65 -7.56 -9.83
CA CYS B 121 -24.61 -7.29 -10.90
C CYS B 121 -24.50 -8.32 -12.01
N SER B 122 -25.64 -8.58 -12.64
CA SER B 122 -25.78 -9.49 -13.76
C SER B 122 -26.50 -8.75 -14.86
N PHE B 123 -25.86 -8.63 -16.02
CA PHE B 123 -26.39 -7.83 -17.13
C PHE B 123 -26.77 -6.44 -16.68
N GLY B 124 -25.92 -5.84 -15.83
CA GLY B 124 -26.11 -4.49 -15.37
C GLY B 124 -27.14 -4.31 -14.29
N LYS B 125 -27.75 -5.38 -13.82
CA LYS B 125 -28.73 -5.29 -12.78
C LYS B 125 -28.26 -5.92 -11.48
N GLN B 126 -28.54 -5.24 -10.38
CA GLN B 126 -28.17 -5.74 -9.08
C GLN B 126 -28.87 -7.01 -8.73
N VAL B 127 -28.10 -8.01 -8.37
CA VAL B 127 -28.69 -9.27 -7.92
C VAL B 127 -28.54 -9.47 -6.42
N VAL B 128 -27.38 -9.14 -5.84
CA VAL B 128 -27.21 -9.14 -4.38
C VAL B 128 -26.35 -7.96 -3.98
N GLU B 129 -26.48 -7.57 -2.71
CA GLU B 129 -25.79 -6.39 -2.20
C GLU B 129 -25.41 -6.59 -0.74
N LYS B 130 -24.31 -5.96 -0.35
CA LYS B 130 -23.87 -5.99 1.03
C LYS B 130 -23.37 -4.60 1.40
N VAL B 131 -23.72 -4.15 2.60
CA VAL B 131 -23.27 -2.88 3.14
C VAL B 131 -22.55 -3.20 4.44
N GLU B 132 -21.29 -2.77 4.55
CA GLU B 132 -20.49 -2.95 5.75
C GLU B 132 -20.06 -1.60 6.28
N THR B 133 -19.94 -1.49 7.59
CA THR B 133 -19.47 -0.27 8.24
C THR B 133 -18.13 -0.57 8.88
N GLU B 134 -17.14 0.27 8.63
CA GLU B 134 -15.82 0.07 9.22
C GLU B 134 -15.32 1.35 9.88
N TYR B 135 -14.50 1.16 10.92
CA TYR B 135 -13.98 2.25 11.72
C TYR B 135 -12.47 2.26 11.61
N ALA B 136 -11.89 3.47 11.57
CA ALA B 136 -10.46 3.63 11.32
C ALA B 136 -9.61 3.21 12.51
N ARG B 137 -8.45 2.66 12.20
CA ARG B 137 -7.45 2.36 13.19
C ARG B 137 -6.19 3.12 12.73
N PHE B 138 -5.61 3.95 13.60
CA PHE B 138 -4.41 4.70 13.22
C PHE B 138 -3.21 3.77 13.22
N GLU B 139 -2.50 3.69 12.09
CA GLU B 139 -1.36 2.79 11.94
C GLU B 139 -0.30 3.46 11.08
N ASN B 140 0.88 3.70 11.66
CA ASN B 140 2.06 4.16 10.92
C ASN B 140 1.75 5.37 10.03
N GLY B 141 0.98 6.30 10.57
CA GLY B 141 0.81 7.59 9.94
C GLY B 141 -0.46 7.74 9.12
N ARG B 142 -1.28 6.70 9.00
CA ARG B 142 -2.51 6.72 8.21
CA ARG B 142 -2.53 6.82 8.28
C ARG B 142 -3.60 5.99 8.97
N PHE B 143 -4.84 6.21 8.55
CA PHE B 143 -5.98 5.49 9.09
C PHE B 143 -6.27 4.29 8.20
N VAL B 144 -6.41 3.13 8.82
CA VAL B 144 -6.54 1.86 8.13
C VAL B 144 -7.92 1.28 8.46
N TYR B 145 -8.58 0.72 7.44
CA TYR B 145 -9.89 0.10 7.56
C TYR B 145 -9.76 -1.32 7.04
N ARG B 146 -9.95 -2.31 7.91
CA ARG B 146 -9.76 -3.72 7.54
C ARG B 146 -11.08 -4.47 7.59
N ILE B 147 -11.36 -5.20 6.52
CA ILE B 147 -12.44 -6.17 6.49
C ILE B 147 -11.73 -7.50 6.25
N ASN B 148 -11.43 -8.21 7.33
CA ASN B 148 -10.59 -9.40 7.23
C ASN B 148 -11.47 -10.64 7.14
N ARG B 149 -11.20 -11.49 6.15
CA ARG B 149 -11.75 -12.84 6.09
C ARG B 149 -13.28 -12.86 6.21
N SER B 150 -13.94 -12.04 5.43
CA SER B 150 -15.40 -12.05 5.42
C SER B 150 -15.91 -13.18 4.54
N PRO B 151 -16.89 -13.97 4.97
CA PRO B 151 -17.39 -15.08 4.14
C PRO B 151 -18.01 -14.58 2.84
N MET B 152 -17.79 -15.31 1.74
CA MET B 152 -18.51 -15.00 0.49
C MET B 152 -19.98 -15.33 0.63
N CYS B 153 -20.84 -14.50 0.04
CA CYS B 153 -22.26 -14.86 0.04
C CYS B 153 -22.49 -16.12 -0.79
N GLU B 154 -23.59 -16.80 -0.51
CA GLU B 154 -23.89 -18.04 -1.22
C GLU B 154 -24.02 -17.82 -2.72
N TYR B 155 -24.57 -16.67 -3.14
CA TYR B 155 -24.67 -16.39 -4.57
C TYR B 155 -23.31 -16.49 -5.25
N MET B 156 -22.26 -15.92 -4.63
CA MET B 156 -20.97 -15.96 -5.30
C MET B 156 -20.31 -17.33 -5.23
N ILE B 157 -20.50 -18.07 -4.13
CA ILE B 157 -19.95 -19.43 -4.07
C ILE B 157 -20.57 -20.28 -5.17
N ASN B 158 -21.88 -20.18 -5.31
CA ASN B 158 -22.59 -20.94 -6.34
C ASN B 158 -22.17 -20.50 -7.74
N PHE B 159 -21.99 -19.19 -7.94
CA PHE B 159 -21.56 -18.68 -9.24
C PHE B 159 -20.19 -19.23 -9.62
N ILE B 160 -19.25 -19.26 -8.66
CA ILE B 160 -17.92 -19.81 -8.91
C ILE B 160 -18.00 -21.28 -9.29
N HIS B 161 -18.84 -22.06 -8.59
CA HIS B 161 -19.02 -23.47 -8.96
C HIS B 161 -19.58 -23.60 -10.36
N LYS B 162 -20.61 -22.81 -10.70
CA LYS B 162 -21.21 -22.81 -12.03
CA LYS B 162 -21.18 -22.90 -12.03
C LYS B 162 -20.17 -22.50 -13.09
N LEU B 163 -19.37 -21.47 -12.82
CA LEU B 163 -18.38 -21.03 -13.77
C LEU B 163 -17.35 -22.12 -14.04
N LYS B 164 -16.90 -22.80 -12.98
CA LYS B 164 -15.88 -23.84 -13.13
C LYS B 164 -16.41 -25.09 -13.80
N HIS B 165 -17.72 -25.35 -13.76
CA HIS B 165 -18.28 -26.51 -14.43
CA HIS B 165 -18.30 -26.51 -14.42
C HIS B 165 -18.53 -26.29 -15.91
N LEU B 166 -18.24 -25.11 -16.45
CA LEU B 166 -18.40 -24.88 -17.88
C LEU B 166 -17.33 -25.65 -18.65
N PRO B 167 -17.66 -26.18 -19.84
CA PRO B 167 -16.68 -27.01 -20.56
C PRO B 167 -15.59 -26.26 -21.29
N GLU B 168 -15.75 -24.97 -21.58
CA GLU B 168 -14.77 -24.24 -22.37
C GLU B 168 -14.42 -22.92 -21.72
N LYS B 169 -13.17 -22.51 -21.91
CA LYS B 169 -12.73 -21.24 -21.33
C LYS B 169 -13.51 -20.08 -21.93
N TYR B 170 -13.79 -20.12 -23.24
CA TYR B 170 -14.48 -19.00 -23.84
CA TYR B 170 -14.48 -19.00 -23.84
C TYR B 170 -15.87 -18.83 -23.26
N MET B 171 -16.49 -19.93 -22.82
CA MET B 171 -17.80 -19.82 -22.19
C MET B 171 -17.69 -19.16 -20.83
N MET B 172 -16.59 -19.43 -20.11
CA MET B 172 -16.34 -18.72 -18.85
C MET B 172 -16.15 -17.22 -19.09
N ASN B 173 -15.37 -16.86 -20.12
CA ASN B 173 -15.21 -15.45 -20.47
C ASN B 173 -16.55 -14.81 -20.86
N SER B 174 -17.39 -15.54 -21.63
CA SER B 174 -18.73 -15.05 -21.95
C SER B 174 -19.52 -14.70 -20.70
N VAL B 175 -19.59 -15.64 -19.76
CA VAL B 175 -20.37 -15.43 -18.56
C VAL B 175 -19.77 -14.29 -17.73
N LEU B 176 -18.44 -14.25 -17.59
CA LEU B 176 -17.85 -13.18 -16.79
C LEU B 176 -18.04 -11.81 -17.43
N GLU B 177 -18.22 -11.76 -18.75
CA GLU B 177 -18.40 -10.49 -19.43
C GLU B 177 -19.67 -9.77 -18.99
N ASN B 178 -20.67 -10.50 -18.53
CA ASN B 178 -21.91 -9.89 -18.07
C ASN B 178 -22.02 -9.84 -16.54
N PHE B 179 -20.96 -10.19 -15.85
CA PHE B 179 -20.86 -10.16 -14.40
C PHE B 179 -20.03 -8.95 -14.00
N THR B 180 -20.57 -8.08 -13.15
CA THR B 180 -19.81 -6.92 -12.69
C THR B 180 -20.08 -6.69 -11.20
N ILE B 181 -19.17 -5.96 -10.57
CA ILE B 181 -19.31 -5.60 -9.16
C ILE B 181 -19.09 -4.11 -9.02
N LEU B 182 -19.98 -3.44 -8.32
CA LEU B 182 -19.82 -2.02 -8.07
C LEU B 182 -19.52 -1.85 -6.58
N LEU B 183 -18.35 -1.30 -6.27
N LEU B 183 -18.33 -1.35 -6.28
CA LEU B 183 -17.90 -1.03 -4.92
CA LEU B 183 -17.92 -1.03 -4.91
C LEU B 183 -17.95 0.47 -4.66
C LEU B 183 -18.02 0.47 -4.71
N VAL B 184 -18.68 0.88 -3.63
CA VAL B 184 -18.79 2.30 -3.29
C VAL B 184 -18.48 2.45 -1.82
N VAL B 185 -17.49 3.29 -1.50
CA VAL B 185 -17.13 3.60 -0.12
C VAL B 185 -17.52 5.03 0.13
N THR B 186 -18.29 5.24 1.18
CA THR B 186 -18.88 6.54 1.52
CA THR B 186 -18.78 6.57 1.50
C THR B 186 -18.48 6.91 2.94
N ASN B 187 -18.29 8.21 3.18
CA ASN B 187 -18.09 8.72 4.53
C ASN B 187 -19.46 8.68 5.20
N ARG B 188 -19.62 7.81 6.20
CA ARG B 188 -20.96 7.60 6.76
C ARG B 188 -21.53 8.88 7.37
N ASP B 189 -20.69 9.76 7.91
CA ASP B 189 -21.21 10.94 8.59
C ASP B 189 -21.61 12.06 7.61
N THR B 190 -20.89 12.24 6.50
CA THR B 190 -21.19 13.29 5.53
C THR B 190 -21.87 12.80 4.26
N GLN B 191 -21.96 11.50 4.05
CA GLN B 191 -22.50 10.86 2.85
C GLN B 191 -21.70 11.16 1.57
N GLU B 192 -20.49 11.69 1.71
CA GLU B 192 -19.63 11.94 0.56
C GLU B 192 -19.06 10.63 0.02
N THR B 193 -19.03 10.52 -1.31
CA THR B 193 -18.40 9.36 -1.92
C THR B 193 -16.90 9.49 -1.80
N LEU B 194 -16.26 8.48 -1.23
CA LEU B 194 -14.80 8.47 -1.06
C LEU B 194 -14.12 7.73 -2.19
N LEU B 195 -14.71 6.63 -2.64
CA LEU B 195 -14.12 5.77 -3.65
C LEU B 195 -15.23 5.00 -4.33
N CYS B 196 -15.18 4.93 -5.66
CA CYS B 196 -16.11 4.10 -6.41
C CYS B 196 -15.32 3.29 -7.43
N MET B 197 -15.45 1.97 -7.37
CA MET B 197 -14.73 1.07 -8.27
C MET B 197 -15.75 0.23 -9.00
N ALA B 198 -15.79 0.42 -10.31
CA ALA B 198 -16.59 -0.38 -11.21
C ALA B 198 -15.72 -1.53 -11.68
N CYS B 199 -16.09 -2.76 -11.34
CA CYS B 199 -15.25 -3.93 -11.56
C CYS B 199 -15.78 -4.79 -12.69
N VAL B 200 -14.91 -5.11 -13.65
CA VAL B 200 -15.24 -6.01 -14.74
C VAL B 200 -14.24 -7.18 -14.70
N PHE B 201 -14.60 -8.27 -15.37
CA PHE B 201 -13.89 -9.53 -15.16
C PHE B 201 -13.69 -10.31 -16.45
N GLU B 202 -12.60 -11.08 -16.43
CA GLU B 202 -12.22 -11.98 -17.51
C GLU B 202 -11.44 -13.12 -16.86
N VAL B 203 -11.30 -14.24 -17.55
CA VAL B 203 -10.53 -15.36 -17.02
C VAL B 203 -9.05 -15.14 -17.29
N SER B 204 -8.19 -15.45 -16.32
CA SER B 204 -6.75 -15.29 -16.51
C SER B 204 -6.23 -16.23 -17.61
N ASN B 205 -5.16 -15.79 -18.23
CA ASN B 205 -4.58 -16.53 -19.34
C ASN B 205 -3.36 -17.33 -19.01
N SER B 206 -3.37 -18.60 -19.39
CA SER B 206 -2.28 -19.55 -19.19
C SER B 206 -1.83 -19.58 -17.73
N GLU B 207 -0.54 -19.35 -17.48
CA GLU B 207 0.01 -19.34 -16.14
C GLU B 207 0.34 -17.92 -15.66
N HIS B 208 -0.31 -16.91 -16.22
CA HIS B 208 -0.07 -15.55 -15.75
C HIS B 208 -0.81 -15.25 -14.45
N GLY B 209 -1.82 -16.03 -14.13
CA GLY B 209 -2.50 -15.89 -12.86
C GLY B 209 -3.37 -14.64 -12.80
N ALA B 210 -3.90 -14.40 -11.61
CA ALA B 210 -4.79 -13.27 -11.42
C ALA B 210 -4.01 -11.97 -11.53
N GLN B 211 -4.65 -10.95 -12.11
CA GLN B 211 -4.05 -9.65 -12.30
C GLN B 211 -5.17 -8.62 -12.29
N HIS B 212 -4.80 -7.34 -12.28
CA HIS B 212 -5.80 -6.29 -12.40
C HIS B 212 -5.23 -5.12 -13.18
N HIS B 213 -6.13 -4.33 -13.77
CA HIS B 213 -5.76 -3.17 -14.56
C HIS B 213 -6.66 -2.03 -14.15
N ILE B 214 -6.07 -0.89 -13.78
CA ILE B 214 -6.82 0.26 -13.27
C ILE B 214 -6.95 1.31 -14.35
N TYR B 215 -8.14 1.88 -14.45
CA TYR B 215 -8.46 2.99 -15.35
C TYR B 215 -9.18 4.06 -14.54
N ARG B 216 -8.84 5.33 -14.79
CA ARG B 216 -9.66 6.39 -14.22
C ARG B 216 -10.90 6.55 -15.09
N LEU B 217 -12.06 6.76 -14.45
CA LEU B 217 -13.30 6.99 -15.18
C LEU B 217 -13.48 8.48 -15.39
N VAL B 218 -13.67 8.89 -16.66
CA VAL B 218 -13.77 10.31 -17.03
C VAL B 218 -15.00 10.54 -17.88
N LYS B 219 -15.32 11.82 -18.10
CA LYS B 219 -16.49 12.28 -18.88
C LYS B 219 -17.85 11.86 -18.42
C1 GOL C . 4.75 -2.46 25.42
O1 GOL C . 3.73 -2.11 24.52
C2 GOL C . 4.89 -1.28 26.42
O2 GOL C . 5.17 -0.10 25.76
C3 GOL C . 6.04 -1.66 27.35
O3 GOL C . 7.16 -1.84 26.51
C1 A1IJL D . 17.96 0.36 13.30
C2 A1IJL D . 17.03 2.54 13.99
C3 A1IJL D . 17.38 -0.47 14.45
N6 A1IJL D . 14.10 6.83 8.85
C7 A1IJL D . 16.13 4.80 14.50
C8 A1IJL D . 15.98 4.01 12.23
C9 A1IJL D . 21.51 1.39 13.35
C10 A1IJL D . 15.55 6.01 14.18
C11 A1IJL D . 15.39 5.23 11.88
C12 A1IJL D . 22.45 -0.09 15.17
C13 A1IJL D . 15.19 6.22 12.86
C14 A1IJL D . 14.89 5.78 10.64
C15 A1IJL D . 14.42 7.05 10.93
C16 A1IJL D . 14.66 5.65 9.27
C19 A1IJL D . 14.90 9.69 12.38
C20 A1IJL D . 13.67 7.16 7.49
C21 A1IJL D . 13.59 9.88 14.81
C22 A1IJL D . 14.80 10.92 13.02
C24 A1IJL D . 14.08 12.34 14.92
C17 A1IJL D . 14.30 8.58 12.93
C18 A1IJL D . 13.69 8.65 14.17
C23 A1IJL D . 14.13 11.02 14.23
C4 A1IJL D . 19.41 0.65 13.48
C5 A1IJL D . 16.34 3.79 13.56
C6 A1IJL D . 20.27 1.54 12.80
F1 A1IJL D . 14.08 13.37 14.09
F2 A1IJL D . 13.00 12.47 15.69
F3 A1IJL D . 15.12 12.56 15.72
N1 A1IJL D . 17.16 1.57 13.08
N2 A1IJL D . 20.11 -0.04 14.39
N3 A1IJL D . 21.39 0.43 14.30
N4 A1IJL D . 14.55 7.33 12.27
N5 A1IJL D . 13.94 7.73 9.87
O1 A1IJL D . 17.59 2.47 15.10
O2 A1IJL D . 16.02 -0.78 14.19
S SO4 E . -3.88 13.20 -8.93
O1 SO4 E . -2.65 12.43 -9.08
O2 SO4 E . -3.85 13.98 -7.67
O3 SO4 E . -4.03 14.13 -10.06
O4 SO4 E . -5.03 12.29 -8.88
S SO4 F . 4.29 19.85 -4.36
O1 SO4 F . 4.45 19.48 -2.95
O2 SO4 F . 5.59 19.85 -5.03
O3 SO4 F . 3.42 18.88 -5.02
O4 SO4 F . 3.68 21.18 -4.46
S SO4 G . 21.00 2.78 -15.14
O1 SO4 G . 19.90 1.82 -15.07
O2 SO4 G . 21.98 2.51 -14.09
O3 SO4 G . 21.64 2.66 -16.45
O4 SO4 G . 20.46 4.13 -14.98
C1 GOL H . -7.78 -22.74 6.78
O1 GOL H . -7.52 -21.55 7.51
C2 GOL H . -8.95 -23.52 7.45
O2 GOL H . -8.82 -24.89 7.25
C3 GOL H . -10.27 -22.97 6.82
O3 GOL H . -11.16 -24.07 6.77
C1 A1IJL I . -19.87 -9.96 0.15
C2 A1IJL I . -18.78 -11.39 -1.55
C3 A1IJL I . -19.80 -10.96 1.30
N6 A1IJL I . -14.30 -8.05 -6.27
C7 A1IJL I . -17.62 -12.63 -3.35
C8 A1IJL I . -17.21 -10.25 -3.15
C9 A1IJL I . -23.05 -9.42 -1.66
C10 A1IJL I . -16.80 -12.72 -4.45
C11 A1IJL I . -16.38 -10.31 -4.25
C12 A1IJL I . -24.71 -10.49 -0.09
C13 A1IJL I . -16.17 -11.55 -4.90
C14 A1IJL I . -15.59 -9.35 -4.99
C15 A1IJL I . -14.97 -10.04 -6.01
C16 A1IJL I . -15.13 -8.03 -5.18
C19 A1IJL I . -15.14 -11.99 -8.26
C20 A1IJL I . -13.58 -6.94 -6.88
C21 A1IJL I . -14.61 -14.63 -7.62
C22 A1IJL I . -14.99 -12.93 -9.27
C24 A1IJL I . -14.58 -15.25 -10.05
C17 A1IJL I . -14.96 -12.36 -6.94
C18 A1IJL I . -14.76 -13.70 -6.62
C23 A1IJL I . -14.70 -14.24 -8.96
C4 A1IJL I . -21.24 -9.85 -0.43
C5 A1IJL I . -17.82 -11.42 -2.69
C6 A1IJL I . -21.70 -9.26 -1.62
F1 A1IJL I . -14.31 -14.71 -11.22
F2 A1IJL I . -13.63 -16.16 -9.84
F3 A1IJL I . -15.71 -15.93 -10.22
N1 A1IJL I . -18.85 -10.24 -0.85
N2 A1IJL I . -22.29 -10.35 0.25
N3 A1IJL I . -23.38 -10.08 -0.53
N4 A1IJL I . -15.27 -11.37 -5.96
N5 A1IJL I . -14.19 -9.31 -6.82
O1 A1IJL I . -19.58 -12.32 -1.39
O2 A1IJL I . -18.51 -10.93 1.89
S SO4 J . 1.08 1.60 -4.50
O1 SO4 J . 1.70 0.83 -3.43
O2 SO4 J . 1.53 2.98 -4.51
O3 SO4 J . 1.44 0.99 -5.78
O4 SO4 J . -0.35 1.61 -4.32
S SO4 K . -3.57 9.74 -12.39
O1 SO4 K . -3.82 10.22 -11.04
O2 SO4 K . -2.75 10.72 -13.11
O3 SO4 K . -2.83 8.47 -12.33
O4 SO4 K . -4.83 9.57 -13.12
S SO4 L . 6.54 -1.65 -15.79
O1 SO4 L . 5.76 -2.58 -14.97
O2 SO4 L . 6.35 -0.27 -15.32
O3 SO4 L . 7.96 -1.98 -15.69
O4 SO4 L . 6.11 -1.75 -17.19
#